data_1IBS
#
_entry.id   1IBS
#
_cell.length_a   115.600
_cell.length_b   115.600
_cell.length_c   107.670
_cell.angle_alpha   90.00
_cell.angle_beta   90.00
_cell.angle_gamma   120.00
#
_symmetry.space_group_name_H-M   'P 63'
#
loop_
_entity.id
_entity.type
_entity.pdbx_description
1 polymer 'RIBOSE-PHOSPHATE PYROPHOSPHOKINASE'
2 non-polymer 'SULFATE ION'
3 non-polymer 'CADMIUM ION'
4 non-polymer 'METHYL PHOSPHONIC ACID ADENOSINE ESTER'
5 water water
#
_entity_poly.entity_id   1
_entity_poly.type   'polypeptide(L)'
_entity_poly.pdbx_seq_one_letter_code
;MSNQYGDKNLKIFSLNSNPELAKEIADIVGVQLGKCSVTRFSDGEVQINIEESIRGCDCYIIQSTSDPVNEHIMELLIMV
DALKRASAKTINIVIPYYGYARQDRKARSREPITAKLFANLLETAGATRVIALDLHAPQIQGFFDIPIDHLMGVPILGEY
FEGKNLEDIVIVSPDHGGVTRARKLADRLKAPIAIIDKRRPRPNVAEVMNIVGNIEGKTAILIDDIIDTAGTITLAANAL
VENGAKEVYACCTHPVLSGPAVERINNSTIKELVVTNSIKLPEEKKIERFKQLSVGPLLAEAIIRVHEQQSVSYLFS
;
_entity_poly.pdbx_strand_id   A,B
#
loop_
_chem_comp.id
_chem_comp.type
_chem_comp.name
_chem_comp.formula
ABM non-polymer 'METHYL PHOSPHONIC ACID ADENOSINE ESTER' 'C11 H16 N5 O6 P'
CD non-polymer 'CADMIUM ION' 'Cd 2'
SO4 non-polymer 'SULFATE ION' 'O4 S -2'
#
# COMPACT_ATOMS: atom_id res chain seq x y z
N ASN A 9 11.10 -34.69 9.85
CA ASN A 9 12.05 -33.62 10.32
C ASN A 9 11.40 -32.25 10.55
N LEU A 10 10.10 -32.23 10.83
CA LEU A 10 9.41 -30.95 11.05
C LEU A 10 9.17 -30.72 12.54
N LYS A 11 9.58 -29.55 13.01
CA LYS A 11 9.42 -29.18 14.42
C LYS A 11 8.64 -27.85 14.47
N ILE A 12 7.71 -27.73 15.39
CA ILE A 12 6.93 -26.51 15.51
C ILE A 12 7.08 -25.99 16.92
N PHE A 13 7.24 -24.70 17.06
CA PHE A 13 7.39 -24.09 18.36
C PHE A 13 6.38 -22.99 18.52
N SER A 14 6.04 -22.75 19.77
CA SER A 14 5.12 -21.70 20.09
C SER A 14 5.85 -20.81 21.07
N LEU A 15 5.78 -19.50 20.88
CA LEU A 15 6.42 -18.59 21.81
C LEU A 15 5.29 -18.15 22.74
N ASN A 16 5.28 -16.93 23.24
CA ASN A 16 4.20 -16.60 24.16
C ASN A 16 2.94 -15.92 23.64
N SER A 17 2.99 -15.41 22.43
CA SER A 17 1.85 -14.68 21.92
C SER A 17 0.49 -15.37 21.94
N ASN A 18 0.37 -16.47 21.21
CA ASN A 18 -0.91 -17.13 21.13
C ASN A 18 -0.72 -18.64 21.15
N PRO A 19 -0.38 -19.18 22.33
CA PRO A 19 -0.16 -20.62 22.52
C PRO A 19 -1.39 -21.49 22.23
N GLU A 20 -2.59 -21.02 22.57
CA GLU A 20 -3.78 -21.83 22.32
C GLU A 20 -3.87 -22.03 20.81
N LEU A 21 -3.64 -20.97 20.05
CA LEU A 21 -3.70 -21.10 18.62
C LEU A 21 -2.62 -22.05 18.16
N ALA A 22 -1.43 -21.92 18.74
CA ALA A 22 -0.31 -22.76 18.35
C ALA A 22 -0.53 -24.26 18.60
N LYS A 23 -1.11 -24.66 19.73
CA LYS A 23 -1.34 -26.08 19.97
C LYS A 23 -2.39 -26.59 18.98
N GLU A 24 -3.46 -25.84 18.78
CA GLU A 24 -4.50 -26.22 17.82
C GLU A 24 -3.87 -26.57 16.47
N ILE A 25 -2.97 -25.71 16.00
CA ILE A 25 -2.29 -25.93 14.72
C ILE A 25 -1.46 -27.22 14.77
N ALA A 26 -0.68 -27.37 15.84
CA ALA A 26 0.19 -28.51 16.03
C ALA A 26 -0.58 -29.83 15.99
N ASP A 27 -1.74 -29.83 16.62
CA ASP A 27 -2.58 -31.00 16.63
C ASP A 27 -3.09 -31.23 15.21
N ILE A 28 -3.63 -30.22 14.54
CA ILE A 28 -4.09 -30.46 13.20
C ILE A 28 -3.00 -31.08 12.39
N VAL A 29 -1.79 -30.50 12.35
CA VAL A 29 -0.75 -31.13 11.53
C VAL A 29 -0.28 -32.49 12.05
N GLY A 30 -0.05 -32.61 13.36
CA GLY A 30 0.36 -33.90 13.90
C GLY A 30 1.74 -34.03 14.52
N VAL A 31 2.09 -33.09 15.39
CA VAL A 31 3.39 -33.10 16.07
C VAL A 31 3.34 -32.50 17.47
N GLN A 32 4.45 -32.56 18.16
CA GLN A 32 4.50 -32.03 19.50
C GLN A 32 5.26 -30.74 19.45
N LEU A 33 4.72 -29.70 20.09
CA LEU A 33 5.38 -28.39 20.18
C LEU A 33 6.77 -28.65 20.70
N GLY A 34 7.75 -27.96 20.13
CA GLY A 34 9.13 -28.20 20.49
C GLY A 34 9.46 -28.10 21.97
N LYS A 35 10.55 -28.78 22.38
CA LYS A 35 11.01 -28.70 23.76
C LYS A 35 11.92 -27.46 23.82
N CYS A 36 11.38 -26.34 24.29
CA CYS A 36 12.16 -25.11 24.37
C CYS A 36 11.70 -24.25 25.53
N SER A 37 12.65 -23.50 26.10
CA SER A 37 12.32 -22.63 27.21
C SER A 37 12.44 -21.17 26.79
N VAL A 38 11.36 -20.43 26.95
CA VAL A 38 11.41 -19.01 26.66
C VAL A 38 11.10 -18.43 28.05
N THR A 39 12.17 -18.30 28.82
CA THR A 39 12.16 -17.85 30.21
C THR A 39 12.46 -16.35 30.41
N ARG A 40 12.76 -15.96 31.64
CA ARG A 40 13.05 -14.57 31.96
C ARG A 40 13.94 -14.59 33.22
N PHE A 41 14.93 -13.69 33.26
CA PHE A 41 15.83 -13.54 34.39
C PHE A 41 15.20 -12.47 35.30
N SER A 42 15.76 -12.26 36.50
CA SER A 42 15.23 -11.28 37.47
C SER A 42 14.99 -9.92 36.86
N ASP A 43 15.96 -9.43 36.09
CA ASP A 43 15.85 -8.12 35.44
C ASP A 43 14.64 -8.20 34.53
N GLY A 44 14.82 -8.39 33.23
CA GLY A 44 13.65 -8.47 32.37
C GLY A 44 14.03 -9.07 31.04
N GLU A 45 15.22 -9.64 30.98
CA GLU A 45 15.75 -10.23 29.76
C GLU A 45 15.27 -11.67 29.58
N VAL A 46 14.97 -12.01 28.33
CA VAL A 46 14.48 -13.34 27.98
C VAL A 46 15.60 -14.38 27.83
N GLN A 47 15.42 -15.55 28.43
CA GLN A 47 16.43 -16.56 28.25
C GLN A 47 15.89 -17.78 27.55
N ILE A 48 16.17 -17.83 26.27
CA ILE A 48 15.76 -18.93 25.41
C ILE A 48 16.79 -20.06 25.61
N ASN A 49 16.31 -21.27 25.80
CA ASN A 49 17.18 -22.43 25.91
C ASN A 49 16.42 -23.59 25.26
N ILE A 50 16.86 -23.97 24.05
CA ILE A 50 16.26 -25.03 23.24
C ILE A 50 16.64 -26.36 23.83
N GLU A 51 15.62 -27.02 24.39
CA GLU A 51 15.77 -28.28 25.09
C GLU A 51 15.95 -29.52 24.25
N GLU A 52 16.34 -29.36 22.98
CA GLU A 52 16.55 -30.52 22.13
C GLU A 52 17.22 -30.18 20.82
N SER A 53 17.95 -31.15 20.31
CA SER A 53 18.68 -30.99 19.07
C SER A 53 17.72 -30.90 17.91
N ILE A 54 17.86 -29.83 17.15
CA ILE A 54 17.04 -29.56 15.97
C ILE A 54 17.96 -29.44 14.75
N ARG A 55 19.19 -29.90 14.92
CA ARG A 55 20.21 -29.87 13.88
C ARG A 55 19.66 -30.49 12.62
N GLY A 56 19.60 -29.72 11.54
CA GLY A 56 19.10 -30.21 10.27
C GLY A 56 17.61 -30.29 10.12
N CYS A 57 16.84 -29.85 11.12
CA CYS A 57 15.39 -29.89 11.04
C CYS A 57 14.78 -28.65 10.36
N ASP A 58 13.49 -28.71 10.04
CA ASP A 58 12.76 -27.59 9.44
C ASP A 58 11.86 -27.10 10.55
N CYS A 59 12.25 -25.99 11.18
CA CYS A 59 11.52 -25.42 12.30
C CYS A 59 10.53 -24.32 11.93
N TYR A 60 9.30 -24.47 12.42
CA TYR A 60 8.24 -23.47 12.18
C TYR A 60 7.96 -22.78 13.53
N ILE A 61 7.93 -21.44 13.53
CA ILE A 61 7.69 -20.73 14.76
C ILE A 61 6.41 -20.00 14.63
N ILE A 62 5.52 -20.17 15.59
CA ILE A 62 4.23 -19.50 15.57
C ILE A 62 4.16 -18.32 16.54
N GLN A 63 3.93 -17.12 16.05
CA GLN A 63 3.88 -16.00 16.93
C GLN A 63 3.22 -14.77 16.33
N SER A 64 2.28 -14.21 17.07
CA SER A 64 1.63 -12.99 16.68
C SER A 64 2.39 -11.90 17.43
N THR A 65 2.68 -10.81 16.75
CA THR A 65 3.38 -9.75 17.43
C THR A 65 2.34 -8.74 17.93
N SER A 66 1.46 -9.26 18.77
CA SER A 66 0.40 -8.53 19.42
C SER A 66 0.91 -8.01 20.76
N ASP A 67 0.08 -7.22 21.44
CA ASP A 67 0.44 -6.66 22.74
C ASP A 67 1.02 -7.71 23.69
N PRO A 68 2.22 -7.46 24.23
CA PRO A 68 3.00 -6.25 23.94
C PRO A 68 3.86 -6.57 22.77
N VAL A 69 3.74 -5.75 21.73
CA VAL A 69 4.50 -5.97 20.53
C VAL A 69 5.99 -6.08 20.68
N ASN A 70 6.61 -5.19 21.43
CA ASN A 70 8.04 -5.21 21.54
C ASN A 70 8.63 -6.43 22.23
N GLU A 71 7.91 -6.96 23.18
CA GLU A 71 8.37 -8.12 23.91
C GLU A 71 8.26 -9.34 23.04
N HIS A 72 7.16 -9.47 22.33
CA HIS A 72 6.95 -10.59 21.45
C HIS A 72 7.92 -10.55 20.28
N ILE A 73 8.20 -9.35 19.78
CA ILE A 73 9.11 -9.23 18.68
C ILE A 73 10.46 -9.71 19.10
N MET A 74 10.90 -9.27 20.26
CA MET A 74 12.23 -9.65 20.75
C MET A 74 12.44 -11.11 21.03
N GLU A 75 11.43 -11.77 21.59
CA GLU A 75 11.59 -13.20 21.86
C GLU A 75 11.62 -13.95 20.55
N LEU A 76 10.81 -13.52 19.60
CA LEU A 76 10.78 -14.15 18.29
C LEU A 76 12.18 -14.11 17.68
N LEU A 77 12.77 -12.92 17.67
CA LEU A 77 14.11 -12.69 17.13
C LEU A 77 15.19 -13.50 17.83
N ILE A 78 15.09 -13.57 19.15
CA ILE A 78 16.04 -14.31 19.93
C ILE A 78 15.90 -15.79 19.65
N MET A 79 14.67 -16.25 19.48
CA MET A 79 14.46 -17.64 19.18
C MET A 79 15.14 -17.94 17.86
N VAL A 80 14.86 -17.12 16.85
CA VAL A 80 15.46 -17.30 15.54
C VAL A 80 16.96 -17.40 15.67
N ASP A 81 17.52 -16.49 16.39
CA ASP A 81 18.95 -16.49 16.57
C ASP A 81 19.43 -17.80 17.18
N ALA A 82 18.70 -18.29 18.18
CA ALA A 82 19.07 -19.53 18.85
C ALA A 82 19.05 -20.66 17.83
N LEU A 83 17.98 -20.75 17.04
CA LEU A 83 17.82 -21.77 16.03
C LEU A 83 18.92 -21.70 14.98
N LYS A 84 19.16 -20.52 14.45
CA LYS A 84 20.18 -20.35 13.42
C LYS A 84 21.50 -20.82 13.95
N ARG A 85 21.85 -20.35 15.13
CA ARG A 85 23.11 -20.71 15.72
C ARG A 85 23.20 -22.16 16.05
N ALA A 86 22.05 -22.80 16.24
CA ALA A 86 22.00 -24.21 16.55
C ALA A 86 21.90 -25.11 15.32
N SER A 87 22.10 -24.53 14.13
CA SER A 87 22.06 -25.26 12.87
C SER A 87 20.74 -25.81 12.33
N ALA A 88 19.63 -25.09 12.50
CA ALA A 88 18.37 -25.53 11.93
C ALA A 88 18.57 -25.48 10.43
N LYS A 89 17.80 -26.24 9.67
CA LYS A 89 17.99 -26.17 8.23
C LYS A 89 17.22 -25.00 7.72
N THR A 90 15.99 -24.85 8.18
CA THR A 90 15.18 -23.70 7.78
C THR A 90 14.53 -23.21 9.02
N ILE A 91 14.30 -21.91 9.07
CA ILE A 91 13.66 -21.26 10.20
C ILE A 91 12.52 -20.53 9.52
N ASN A 92 11.31 -21.06 9.66
CA ASN A 92 10.16 -20.49 9.00
C ASN A 92 9.22 -19.87 10.00
N ILE A 93 8.81 -18.63 9.73
CA ILE A 93 7.94 -17.91 10.63
C ILE A 93 6.47 -17.81 10.19
N VAL A 94 5.57 -18.14 11.13
CA VAL A 94 4.12 -18.11 10.93
C VAL A 94 3.62 -16.99 11.81
N ILE A 95 3.17 -15.91 11.19
CA ILE A 95 2.70 -14.76 11.92
C ILE A 95 1.24 -14.50 11.67
N PRO A 96 0.38 -14.95 12.56
CA PRO A 96 -1.07 -14.77 12.47
C PRO A 96 -1.41 -13.28 12.53
N TYR A 97 -0.64 -12.51 13.29
CA TYR A 97 -0.87 -11.08 13.38
C TYR A 97 0.43 -10.27 13.30
N TYR A 98 0.61 -9.53 12.22
CA TYR A 98 1.80 -8.73 12.02
C TYR A 98 1.65 -7.35 12.65
N GLY A 99 2.18 -7.21 13.86
CA GLY A 99 2.16 -5.93 14.56
C GLY A 99 2.98 -4.90 13.80
N TYR A 100 2.66 -3.62 14.02
CA TYR A 100 3.32 -2.49 13.37
C TYR A 100 3.00 -2.37 11.87
N ALA A 101 2.10 -3.19 11.35
CA ALA A 101 1.75 -3.13 9.93
C ALA A 101 0.97 -1.90 9.52
N ARG A 102 0.55 -1.06 10.46
CA ARG A 102 -0.19 0.13 10.08
C ARG A 102 0.76 1.26 9.81
N GLN A 103 1.97 1.10 10.33
CA GLN A 103 3.03 2.07 10.14
C GLN A 103 3.85 1.54 8.95
N ASP A 104 3.20 1.67 7.79
CA ASP A 104 3.70 1.23 6.49
C ASP A 104 4.11 2.34 5.52
N ARG A 105 3.97 3.59 5.92
CA ARG A 105 4.30 4.75 5.07
C ARG A 105 4.58 5.97 5.95
N LYS A 106 4.92 7.12 5.34
CA LYS A 106 5.16 8.36 6.11
C LYS A 106 3.93 9.30 6.10
N SER A 109 4.42 12.58 8.83
CA SER A 109 5.38 13.52 8.14
C SER A 109 6.88 13.40 8.41
N ARG A 110 7.31 12.90 9.58
CA ARG A 110 8.77 12.71 9.90
C ARG A 110 8.82 11.52 10.88
N GLU A 111 8.68 10.34 10.31
CA GLU A 111 8.48 9.12 11.05
C GLU A 111 9.17 7.89 10.51
N PRO A 112 9.15 6.78 11.30
CA PRO A 112 9.77 5.54 10.85
C PRO A 112 8.72 4.76 10.10
N ILE A 113 9.16 3.66 9.48
CA ILE A 113 8.31 2.74 8.75
C ILE A 113 8.56 1.40 9.42
N THR A 114 8.04 1.25 10.64
CA THR A 114 8.28 0.06 11.43
C THR A 114 7.99 -1.27 10.76
N ALA A 115 6.97 -1.33 9.94
CA ALA A 115 6.67 -2.58 9.28
C ALA A 115 7.90 -2.97 8.45
N LYS A 116 8.61 -2.00 7.89
CA LYS A 116 9.79 -2.33 7.12
C LYS A 116 10.96 -2.63 8.04
N LEU A 117 11.15 -1.86 9.10
CA LEU A 117 12.26 -2.13 10.01
C LEU A 117 12.15 -3.56 10.48
N PHE A 118 10.94 -3.98 10.80
CA PHE A 118 10.74 -5.33 11.29
C PHE A 118 11.19 -6.38 10.30
N ALA A 119 10.79 -6.23 9.05
CA ALA A 119 11.15 -7.18 8.02
C ALA A 119 12.64 -7.33 8.02
N ASN A 120 13.30 -6.19 7.98
CA ASN A 120 14.75 -6.15 7.98
C ASN A 120 15.34 -6.79 9.22
N LEU A 121 14.68 -6.68 10.35
CA LEU A 121 15.20 -7.29 11.56
C LEU A 121 15.11 -8.80 11.48
N LEU A 122 13.95 -9.26 11.04
CA LEU A 122 13.66 -10.66 10.92
C LEU A 122 14.58 -11.37 9.95
N GLU A 123 14.91 -10.71 8.85
CA GLU A 123 15.83 -11.30 7.90
C GLU A 123 17.22 -11.32 8.46
N THR A 124 17.60 -10.28 9.20
CA THR A 124 18.94 -10.20 9.80
C THR A 124 19.12 -11.32 10.82
N ALA A 125 18.09 -11.51 11.63
CA ALA A 125 18.06 -12.52 12.67
C ALA A 125 18.30 -13.87 12.04
N GLY A 126 17.72 -14.12 10.87
CA GLY A 126 17.94 -15.37 10.20
C GLY A 126 16.76 -16.13 9.64
N ALA A 127 15.62 -15.48 9.41
CA ALA A 127 14.47 -16.21 8.89
C ALA A 127 14.70 -16.70 7.48
N THR A 128 14.03 -17.79 7.13
CA THR A 128 14.13 -18.38 5.82
C THR A 128 12.94 -17.97 4.98
N ARG A 129 11.78 -17.85 5.63
CA ARG A 129 10.54 -17.46 4.98
C ARG A 129 9.48 -17.07 5.98
N VAL A 130 8.42 -16.45 5.49
CA VAL A 130 7.31 -16.00 6.32
C VAL A 130 5.95 -16.38 5.80
N ILE A 131 5.02 -16.63 6.73
CA ILE A 131 3.63 -16.94 6.40
C ILE A 131 2.80 -15.95 7.20
N ALA A 132 1.96 -15.19 6.51
CA ALA A 132 1.17 -14.17 7.16
C ALA A 132 -0.31 -14.17 6.82
N LEU A 133 -1.08 -13.51 7.66
CA LEU A 133 -2.50 -13.43 7.49
C LEU A 133 -2.98 -11.99 7.47
N ASP A 134 -3.65 -11.58 6.39
CA ASP A 134 -4.21 -10.23 6.22
C ASP A 134 -3.35 -9.10 6.74
N LEU A 135 -2.32 -8.73 6.02
CA LEU A 135 -1.47 -7.63 6.46
C LEU A 135 -2.30 -6.36 6.27
N HIS A 136 -2.09 -5.33 7.09
CA HIS A 136 -2.82 -4.07 6.92
C HIS A 136 -2.67 -3.56 5.51
N ALA A 137 -1.50 -3.78 4.92
CA ALA A 137 -1.27 -3.34 3.56
C ALA A 137 -0.63 -4.50 2.82
N PRO A 138 -1.28 -4.94 1.75
CA PRO A 138 -0.77 -6.04 0.95
C PRO A 138 0.62 -5.81 0.40
N GLN A 139 1.06 -4.56 0.31
CA GLN A 139 2.41 -4.32 -0.23
C GLN A 139 3.52 -4.50 0.77
N ILE A 140 3.15 -4.76 2.02
CA ILE A 140 4.13 -4.97 3.06
C ILE A 140 4.83 -6.22 2.64
N GLN A 141 4.11 -7.04 1.92
CA GLN A 141 4.64 -8.27 1.39
C GLN A 141 5.95 -8.02 0.66
N GLY A 142 6.07 -6.84 0.06
CA GLY A 142 7.27 -6.51 -0.66
C GLY A 142 8.42 -5.96 0.16
N PHE A 143 8.23 -5.86 1.47
CA PHE A 143 9.25 -5.34 2.36
C PHE A 143 10.28 -6.41 2.64
N PHE A 144 9.97 -7.62 2.22
CA PHE A 144 10.84 -8.77 2.41
C PHE A 144 11.52 -9.18 1.13
N ASP A 145 12.61 -9.93 1.26
CA ASP A 145 13.33 -10.45 0.10
C ASP A 145 13.45 -11.95 0.23
N ILE A 146 12.94 -12.47 1.34
CA ILE A 146 12.88 -13.91 1.57
C ILE A 146 11.44 -14.23 1.15
N PRO A 147 11.17 -15.47 0.81
CA PRO A 147 9.81 -15.80 0.40
C PRO A 147 8.76 -15.56 1.48
N ILE A 148 7.58 -15.13 1.07
CA ILE A 148 6.51 -14.88 1.98
C ILE A 148 5.19 -15.25 1.33
N ASP A 149 4.39 -16.05 2.03
CA ASP A 149 3.06 -16.46 1.57
C ASP A 149 2.04 -15.72 2.36
N HIS A 150 1.09 -15.15 1.67
CA HIS A 150 0.07 -14.35 2.30
C HIS A 150 -1.28 -15.01 2.28
N LEU A 151 -1.69 -15.51 3.43
CA LEU A 151 -2.98 -16.11 3.52
C LEU A 151 -3.92 -14.91 3.74
N MET A 152 -5.12 -15.00 3.16
CA MET A 152 -6.14 -13.98 3.26
C MET A 152 -7.19 -14.52 4.20
N GLY A 153 -7.85 -13.63 4.96
CA GLY A 153 -8.85 -14.09 5.92
C GLY A 153 -10.32 -13.80 5.64
N VAL A 154 -10.58 -12.96 4.65
CA VAL A 154 -11.96 -12.64 4.33
C VAL A 154 -12.82 -13.88 4.03
N PRO A 155 -12.34 -14.82 3.18
CA PRO A 155 -13.14 -16.00 2.89
C PRO A 155 -13.82 -16.63 4.10
N ILE A 156 -13.10 -16.71 5.21
CA ILE A 156 -13.62 -17.29 6.44
C ILE A 156 -14.86 -16.59 6.97
N LEU A 157 -14.76 -15.27 7.04
CA LEU A 157 -15.85 -14.45 7.54
C LEU A 157 -16.98 -14.46 6.54
N GLY A 158 -16.63 -14.44 5.26
CA GLY A 158 -17.63 -14.42 4.22
C GLY A 158 -18.52 -15.62 4.46
N GLU A 159 -17.90 -16.79 4.57
CA GLU A 159 -18.61 -18.03 4.79
C GLU A 159 -19.52 -18.01 6.01
N TYR A 160 -19.09 -17.34 7.06
CA TYR A 160 -19.93 -17.32 8.25
C TYR A 160 -21.09 -16.38 8.01
N PHE A 161 -20.89 -15.39 7.16
CA PHE A 161 -21.97 -14.45 6.93
C PHE A 161 -22.95 -15.00 5.93
N GLU A 162 -22.39 -15.62 4.88
CA GLU A 162 -23.13 -16.25 3.79
C GLU A 162 -24.12 -17.20 4.46
N GLY A 163 -23.60 -17.95 5.41
CA GLY A 163 -24.39 -18.92 6.14
C GLY A 163 -25.51 -18.29 6.96
N LYS A 164 -25.35 -17.03 7.40
CA LYS A 164 -26.36 -16.38 8.22
C LYS A 164 -27.71 -16.07 7.56
N ASN A 165 -27.73 -16.02 6.24
CA ASN A 165 -28.99 -15.70 5.53
C ASN A 165 -29.67 -14.48 6.16
N LEU A 166 -29.10 -13.30 5.88
CA LEU A 166 -29.63 -12.03 6.35
C LEU A 166 -30.27 -11.42 5.09
N GLU A 167 -31.22 -10.50 5.28
CA GLU A 167 -31.85 -9.89 4.13
C GLU A 167 -31.28 -8.52 3.70
N ASP A 168 -31.39 -8.24 2.39
CA ASP A 168 -30.82 -7.06 1.73
C ASP A 168 -29.73 -6.42 2.54
N ILE A 169 -28.58 -7.06 2.39
CA ILE A 169 -27.40 -6.65 3.11
C ILE A 169 -26.53 -5.72 2.28
N VAL A 170 -25.78 -4.91 2.99
CA VAL A 170 -24.88 -3.96 2.36
C VAL A 170 -23.54 -4.05 3.12
N ILE A 171 -22.45 -4.09 2.39
CA ILE A 171 -21.16 -4.15 3.03
C ILE A 171 -20.71 -2.70 3.22
N VAL A 172 -20.18 -2.40 4.40
CA VAL A 172 -19.74 -1.05 4.69
C VAL A 172 -18.27 -0.93 5.10
N SER A 173 -17.62 0.05 4.49
CA SER A 173 -16.24 0.33 4.76
C SER A 173 -16.24 1.46 5.75
N PRO A 174 -15.78 1.20 6.98
CA PRO A 174 -15.73 2.20 8.04
C PRO A 174 -14.92 3.43 7.63
N ASP A 175 -13.97 3.27 6.70
CA ASP A 175 -13.11 4.38 6.27
C ASP A 175 -12.65 4.31 4.79
N HIS A 176 -11.89 5.33 4.40
CA HIS A 176 -11.39 5.45 3.03
C HIS A 176 -10.40 4.36 2.57
N GLY A 177 -9.81 3.64 3.50
CA GLY A 177 -8.85 2.62 3.07
C GLY A 177 -9.50 1.24 2.98
N GLY A 178 -10.66 1.09 3.64
CA GLY A 178 -11.34 -0.19 3.68
C GLY A 178 -12.09 -0.60 2.43
N VAL A 179 -12.32 0.33 1.51
CA VAL A 179 -13.08 0.03 0.31
C VAL A 179 -12.69 -1.23 -0.47
N THR A 180 -11.40 -1.53 -0.55
CA THR A 180 -11.02 -2.75 -1.28
C THR A 180 -11.54 -3.97 -0.52
N ARG A 181 -11.19 -4.03 0.76
CA ARG A 181 -11.62 -5.14 1.60
C ARG A 181 -13.12 -5.28 1.53
N ALA A 182 -13.84 -4.16 1.64
CA ALA A 182 -15.30 -4.19 1.59
C ALA A 182 -15.78 -4.83 0.27
N ARG A 183 -15.08 -4.52 -0.81
CA ARG A 183 -15.46 -5.06 -2.10
C ARG A 183 -15.28 -6.56 -2.04
N LYS A 184 -14.13 -7.03 -1.59
CA LYS A 184 -13.90 -8.47 -1.53
C LYS A 184 -15.06 -9.19 -0.82
N LEU A 185 -15.50 -8.65 0.29
CA LEU A 185 -16.62 -9.26 1.01
C LEU A 185 -17.95 -9.04 0.27
N ALA A 186 -18.14 -7.87 -0.32
CA ALA A 186 -19.37 -7.57 -1.09
C ALA A 186 -19.51 -8.60 -2.23
N ASP A 187 -18.39 -8.91 -2.88
CA ASP A 187 -18.42 -9.90 -3.94
C ASP A 187 -18.88 -11.29 -3.44
N ARG A 188 -18.39 -11.73 -2.28
CA ARG A 188 -18.81 -13.01 -1.72
C ARG A 188 -20.32 -12.98 -1.56
N LEU A 189 -20.80 -12.26 -0.58
CA LEU A 189 -22.24 -12.23 -0.37
C LEU A 189 -23.06 -11.61 -1.52
N LYS A 190 -22.43 -11.32 -2.65
CA LYS A 190 -23.16 -10.68 -3.76
C LYS A 190 -23.96 -9.47 -3.25
N ALA A 191 -23.29 -8.52 -2.60
CA ALA A 191 -23.98 -7.36 -2.02
C ALA A 191 -23.37 -6.08 -2.51
N PRO A 192 -24.05 -4.95 -2.23
CA PRO A 192 -23.57 -3.60 -2.62
C PRO A 192 -22.70 -3.05 -1.49
N ILE A 193 -21.98 -1.98 -1.77
CA ILE A 193 -21.10 -1.39 -0.78
C ILE A 193 -21.45 0.07 -0.51
N ALA A 194 -21.07 0.55 0.66
CA ALA A 194 -21.30 1.94 1.05
C ALA A 194 -20.13 2.23 2.00
N ILE A 195 -19.74 3.49 2.11
CA ILE A 195 -18.62 3.80 3.00
C ILE A 195 -18.99 4.97 3.90
N ILE A 196 -18.24 5.08 4.99
CA ILE A 196 -18.43 6.16 5.96
C ILE A 196 -17.40 7.22 5.57
N ASP A 197 -17.89 8.29 4.97
CA ASP A 197 -16.99 9.39 4.61
C ASP A 197 -16.90 10.23 5.87
N LYS A 198 -15.99 9.84 6.76
CA LYS A 198 -15.85 10.57 7.99
C LYS A 198 -14.77 11.64 7.89
N ARG A 199 -15.20 12.88 7.74
CA ARG A 199 -14.27 14.00 7.69
C ARG A 199 -14.75 15.16 8.59
N MET A 209 -18.73 13.54 9.71
CA MET A 209 -18.84 12.08 9.43
C MET A 209 -20.06 11.92 8.56
N ASN A 210 -19.98 11.12 7.49
CA ASN A 210 -21.13 10.93 6.59
C ASN A 210 -21.23 9.60 5.85
N ILE A 211 -22.46 9.21 5.51
CA ILE A 211 -22.69 7.97 4.79
C ILE A 211 -22.73 8.26 3.29
N VAL A 212 -22.09 7.37 2.52
CA VAL A 212 -22.05 7.49 1.06
C VAL A 212 -22.60 6.20 0.48
N GLY A 213 -23.88 6.26 0.06
CA GLY A 213 -24.53 5.11 -0.53
C GLY A 213 -25.84 4.79 0.14
N ASN A 214 -26.71 4.07 -0.57
CA ASN A 214 -28.02 3.69 -0.05
C ASN A 214 -27.82 2.64 1.04
N ILE A 215 -28.51 2.80 2.17
CA ILE A 215 -28.38 1.87 3.30
C ILE A 215 -29.64 1.80 4.16
N GLU A 216 -30.74 2.39 3.69
CA GLU A 216 -32.00 2.40 4.43
C GLU A 216 -32.60 1.01 4.62
N GLY A 217 -33.07 0.70 5.83
CA GLY A 217 -33.65 -0.60 6.12
C GLY A 217 -32.79 -1.83 5.82
N LYS A 218 -31.51 -1.62 5.54
CA LYS A 218 -30.63 -2.71 5.20
C LYS A 218 -29.91 -3.34 6.37
N THR A 219 -29.46 -4.58 6.18
CA THR A 219 -28.70 -5.26 7.22
C THR A 219 -27.28 -4.85 6.84
N ALA A 220 -26.64 -4.03 7.65
CA ALA A 220 -25.29 -3.62 7.27
C ALA A 220 -24.22 -4.38 7.99
N ILE A 221 -23.16 -4.72 7.27
CA ILE A 221 -22.02 -5.40 7.88
C ILE A 221 -20.84 -4.45 7.78
N LEU A 222 -20.27 -4.08 8.92
CA LEU A 222 -19.09 -3.23 8.95
C LEU A 222 -17.89 -4.17 8.97
N ILE A 223 -16.83 -3.84 8.24
CA ILE A 223 -15.65 -4.70 8.19
C ILE A 223 -14.37 -3.91 8.08
N ASP A 224 -13.38 -4.29 8.88
CA ASP A 224 -12.08 -3.64 8.83
C ASP A 224 -11.15 -4.80 9.04
N ASP A 225 -9.87 -4.58 8.82
CA ASP A 225 -8.89 -5.64 9.03
C ASP A 225 -8.61 -5.80 10.51
N ILE A 226 -8.54 -4.67 11.21
CA ILE A 226 -8.26 -4.64 12.64
C ILE A 226 -9.31 -3.81 13.38
N ILE A 227 -9.65 -4.23 14.58
CA ILE A 227 -10.54 -3.45 15.41
C ILE A 227 -9.66 -3.24 16.63
N ASP A 228 -9.12 -2.03 16.72
CA ASP A 228 -8.21 -1.68 17.79
C ASP A 228 -8.96 -1.15 18.99
N THR A 229 -9.10 0.18 19.06
CA THR A 229 -9.80 0.84 20.18
C THR A 229 -11.32 0.74 19.98
N ALA A 230 -11.74 0.17 18.85
CA ALA A 230 -13.15 0.04 18.56
C ALA A 230 -13.79 1.41 18.48
N GLY A 231 -12.96 2.45 18.37
CA GLY A 231 -13.49 3.80 18.29
C GLY A 231 -14.20 3.97 16.95
N THR A 232 -13.40 3.97 15.89
CA THR A 232 -13.89 4.13 14.53
C THR A 232 -15.22 3.45 14.29
N ILE A 233 -15.19 2.13 14.44
CA ILE A 233 -16.32 1.24 14.19
C ILE A 233 -17.64 1.37 14.96
N THR A 234 -17.56 1.58 16.27
CA THR A 234 -18.77 1.74 17.08
C THR A 234 -19.46 3.00 16.59
N LEU A 235 -18.69 4.09 16.53
CA LEU A 235 -19.23 5.35 16.03
C LEU A 235 -19.88 5.14 14.65
N ALA A 236 -19.28 4.30 13.81
CA ALA A 236 -19.84 3.99 12.50
C ALA A 236 -21.22 3.30 12.62
N ALA A 237 -21.27 2.21 13.39
CA ALA A 237 -22.49 1.43 13.62
C ALA A 237 -23.63 2.33 14.08
N ASN A 238 -23.36 3.17 15.08
CA ASN A 238 -24.39 4.07 15.57
C ASN A 238 -24.88 5.02 14.47
N ALA A 239 -23.98 5.55 13.67
CA ALA A 239 -24.37 6.45 12.59
C ALA A 239 -25.28 5.71 11.63
N LEU A 240 -24.94 4.45 11.34
CA LEU A 240 -25.74 3.64 10.42
C LEU A 240 -27.17 3.60 10.92
N VAL A 241 -27.30 3.17 12.18
CA VAL A 241 -28.60 3.08 12.84
C VAL A 241 -29.30 4.43 12.73
N GLU A 242 -28.56 5.46 13.10
CA GLU A 242 -29.07 6.82 13.04
C GLU A 242 -29.55 7.17 11.63
N ASN A 243 -29.11 6.42 10.62
CA ASN A 243 -29.54 6.68 9.24
C ASN A 243 -30.53 5.63 8.71
N GLY A 244 -31.15 4.91 9.63
CA GLY A 244 -32.13 3.91 9.27
C GLY A 244 -31.63 2.65 8.59
N ALA A 245 -30.92 1.84 9.35
CA ALA A 245 -30.44 0.57 8.81
C ALA A 245 -31.21 -0.51 9.60
N LYS A 246 -31.75 -1.50 8.88
CA LYS A 246 -32.51 -2.60 9.54
C LYS A 246 -31.77 -3.11 10.81
N GLU A 247 -30.51 -3.54 10.69
CA GLU A 247 -29.74 -4.02 11.87
C GLU A 247 -28.25 -3.90 11.50
N VAL A 248 -27.34 -4.09 12.45
CA VAL A 248 -25.92 -3.95 12.11
C VAL A 248 -24.97 -5.00 12.69
N TYR A 249 -24.09 -5.56 11.85
CA TYR A 249 -23.07 -6.55 12.24
C TYR A 249 -21.70 -5.98 11.97
N ALA A 250 -20.70 -6.47 12.66
CA ALA A 250 -19.36 -5.97 12.44
C ALA A 250 -18.38 -7.13 12.55
N CYS A 251 -17.38 -7.11 11.67
CA CYS A 251 -16.36 -8.16 11.65
C CYS A 251 -14.98 -7.58 11.31
N CYS A 252 -13.95 -8.31 11.68
CA CYS A 252 -12.59 -7.93 11.37
C CYS A 252 -11.80 -9.19 11.60
N THR A 253 -10.58 -9.25 11.09
CA THR A 253 -9.75 -10.41 11.30
C THR A 253 -9.07 -10.31 12.66
N HIS A 254 -8.37 -9.20 12.85
CA HIS A 254 -7.58 -9.03 14.05
C HIS A 254 -8.21 -8.23 15.17
N PRO A 255 -8.58 -8.95 16.22
CA PRO A 255 -9.20 -8.41 17.43
C PRO A 255 -8.16 -7.77 18.39
N VAL A 256 -7.71 -6.55 18.09
CA VAL A 256 -6.73 -5.89 18.96
C VAL A 256 -7.39 -5.40 20.25
N LEU A 257 -8.64 -4.96 20.14
CA LEU A 257 -9.45 -4.51 21.28
C LEU A 257 -8.68 -3.93 22.48
N SER A 258 -8.05 -2.80 22.25
CA SER A 258 -7.27 -2.20 23.32
C SER A 258 -8.12 -1.11 23.92
N GLY A 259 -7.68 -0.63 25.08
CA GLY A 259 -8.39 0.46 25.72
C GLY A 259 -9.82 0.14 26.14
N PRO A 260 -10.77 1.02 25.78
CA PRO A 260 -12.18 0.88 26.11
C PRO A 260 -12.95 0.04 25.08
N ALA A 261 -12.21 -0.51 24.12
CA ALA A 261 -12.80 -1.30 23.02
C ALA A 261 -13.99 -2.15 23.44
N VAL A 262 -13.78 -3.13 24.31
CA VAL A 262 -14.89 -3.98 24.73
C VAL A 262 -16.12 -3.19 25.23
N GLU A 263 -15.91 -2.32 26.23
CA GLU A 263 -17.01 -1.54 26.80
C GLU A 263 -17.74 -0.81 25.70
N ARG A 264 -16.98 -0.18 24.82
CA ARG A 264 -17.60 0.55 23.72
C ARG A 264 -18.46 -0.33 22.83
N ILE A 265 -18.02 -1.56 22.58
CA ILE A 265 -18.79 -2.43 21.72
C ILE A 265 -20.00 -2.98 22.45
N ASN A 266 -19.77 -3.49 23.66
CA ASN A 266 -20.88 -3.99 24.46
C ASN A 266 -22.01 -2.98 24.53
N ASN A 267 -21.66 -1.69 24.42
CA ASN A 267 -22.66 -0.62 24.45
C ASN A 267 -23.12 -0.20 23.09
N SER A 268 -22.40 -0.59 22.05
CA SER A 268 -22.76 -0.21 20.70
C SER A 268 -24.08 -0.87 20.29
N THR A 269 -24.47 -0.62 19.05
CA THR A 269 -25.70 -1.17 18.51
C THR A 269 -25.40 -2.46 17.75
N ILE A 270 -24.11 -2.83 17.68
CA ILE A 270 -23.67 -4.04 16.95
C ILE A 270 -24.39 -5.31 17.41
N LYS A 271 -25.24 -5.85 16.54
CA LYS A 271 -25.99 -7.06 16.87
C LYS A 271 -25.00 -8.14 17.24
N GLU A 272 -23.90 -8.19 16.50
CA GLU A 272 -22.85 -9.17 16.75
C GLU A 272 -21.51 -8.81 16.10
N LEU A 273 -20.44 -9.16 16.80
CA LEU A 273 -19.08 -8.93 16.34
C LEU A 273 -18.40 -10.28 16.03
N VAL A 274 -17.92 -10.43 14.80
CA VAL A 274 -17.25 -11.63 14.32
C VAL A 274 -15.75 -11.35 14.19
N VAL A 275 -14.91 -12.19 14.79
CA VAL A 275 -13.45 -12.03 14.73
C VAL A 275 -12.79 -13.39 14.62
N THR A 276 -11.47 -13.42 14.41
CA THR A 276 -10.74 -14.69 14.34
C THR A 276 -9.80 -14.78 15.55
N ASN A 277 -9.23 -15.94 15.77
CA ASN A 277 -8.33 -16.10 16.89
C ASN A 277 -6.86 -15.88 16.50
N SER A 278 -6.61 -14.92 15.62
CA SER A 278 -5.24 -14.61 15.20
C SER A 278 -4.53 -13.98 16.38
N ILE A 279 -5.32 -13.25 17.18
CA ILE A 279 -4.79 -12.61 18.38
C ILE A 279 -5.53 -13.20 19.57
N LYS A 280 -4.77 -13.56 20.58
CA LYS A 280 -5.32 -14.15 21.79
C LYS A 280 -6.19 -13.17 22.58
N LEU A 281 -7.46 -13.52 22.74
CA LEU A 281 -8.44 -12.70 23.45
C LEU A 281 -8.15 -12.29 24.90
N PRO A 282 -8.50 -11.03 25.28
CA PRO A 282 -8.25 -10.59 26.67
C PRO A 282 -9.05 -11.52 27.58
N GLU A 283 -8.34 -12.20 28.45
CA GLU A 283 -8.98 -13.11 29.36
C GLU A 283 -9.91 -12.42 30.34
N GLU A 284 -9.58 -11.17 30.72
CA GLU A 284 -10.39 -10.45 31.72
C GLU A 284 -11.64 -9.61 31.34
N LYS A 285 -12.04 -9.59 30.07
CA LYS A 285 -13.22 -8.79 29.68
C LYS A 285 -13.86 -9.45 28.45
N LYS A 286 -15.17 -9.71 28.56
CA LYS A 286 -15.91 -10.38 27.47
C LYS A 286 -16.94 -9.57 26.72
N ILE A 287 -16.85 -9.68 25.41
CA ILE A 287 -17.79 -9.02 24.51
C ILE A 287 -19.09 -9.78 24.77
N GLU A 288 -20.22 -9.16 24.55
CA GLU A 288 -21.45 -9.88 24.81
C GLU A 288 -21.94 -10.65 23.58
N ARG A 289 -22.48 -9.92 22.61
CA ARG A 289 -22.99 -10.56 21.41
C ARG A 289 -21.71 -10.79 20.59
N PHE A 290 -21.18 -12.01 20.56
CA PHE A 290 -19.93 -12.20 19.85
C PHE A 290 -19.59 -13.61 19.34
N LYS A 291 -18.83 -13.67 18.24
CA LYS A 291 -18.44 -14.93 17.64
C LYS A 291 -17.01 -14.88 17.10
N GLN A 292 -16.21 -15.86 17.51
CA GLN A 292 -14.80 -15.98 17.09
C GLN A 292 -14.55 -17.23 16.24
N LEU A 293 -14.07 -17.03 15.03
CA LEU A 293 -13.77 -18.12 14.11
C LEU A 293 -12.28 -18.46 14.21
N SER A 294 -11.91 -19.71 14.04
CA SER A 294 -10.52 -20.06 14.15
C SER A 294 -9.83 -20.03 12.81
N VAL A 295 -8.56 -19.65 12.83
CA VAL A 295 -7.73 -19.61 11.63
C VAL A 295 -6.68 -20.73 11.72
N GLY A 296 -6.76 -21.54 12.76
CA GLY A 296 -5.83 -22.65 12.93
C GLY A 296 -5.89 -23.58 11.74
N PRO A 297 -7.08 -24.06 11.33
CA PRO A 297 -7.16 -24.96 10.16
C PRO A 297 -6.42 -24.43 8.92
N LEU A 298 -6.54 -23.14 8.68
CA LEU A 298 -5.90 -22.49 7.54
C LEU A 298 -4.38 -22.52 7.59
N LEU A 299 -3.83 -22.05 8.71
CA LEU A 299 -2.40 -22.02 8.87
C LEU A 299 -1.84 -23.41 8.91
N ALA A 300 -2.52 -24.31 9.59
CA ALA A 300 -2.08 -25.70 9.69
C ALA A 300 -1.87 -26.27 8.31
N GLU A 301 -2.84 -26.02 7.44
CA GLU A 301 -2.77 -26.49 6.07
C GLU A 301 -1.61 -25.87 5.33
N ALA A 302 -1.31 -24.60 5.60
CA ALA A 302 -0.20 -23.93 4.94
C ALA A 302 1.14 -24.48 5.36
N ILE A 303 1.27 -24.81 6.64
CA ILE A 303 2.50 -25.39 7.14
C ILE A 303 2.86 -26.59 6.29
N ILE A 304 1.97 -27.59 6.32
CA ILE A 304 2.15 -28.82 5.55
C ILE A 304 2.47 -28.53 4.13
N ARG A 305 1.58 -27.82 3.44
CA ARG A 305 1.78 -27.49 2.03
C ARG A 305 3.09 -26.78 1.75
N VAL A 306 3.63 -26.07 2.71
CA VAL A 306 4.89 -25.36 2.49
C VAL A 306 6.02 -26.35 2.77
N HIS A 307 5.81 -27.13 3.81
CA HIS A 307 6.78 -28.08 4.20
C HIS A 307 6.97 -29.15 3.16
N GLU A 308 5.90 -29.54 2.50
CA GLU A 308 6.03 -30.55 1.49
C GLU A 308 6.09 -30.01 0.07
N GLN A 309 5.92 -28.71 -0.08
CA GLN A 309 6.01 -28.10 -1.39
C GLN A 309 4.93 -28.53 -2.35
N GLN A 310 3.72 -28.12 -2.01
CA GLN A 310 2.51 -28.37 -2.75
C GLN A 310 1.96 -26.98 -2.98
N SER A 311 1.14 -26.82 -4.01
CA SER A 311 0.62 -25.51 -4.32
C SER A 311 -0.06 -24.86 -3.13
N VAL A 312 0.45 -23.73 -2.71
CA VAL A 312 -0.16 -23.05 -1.60
C VAL A 312 -1.21 -22.15 -2.23
N SER A 313 -0.98 -21.72 -3.47
CA SER A 313 -1.95 -20.87 -4.14
C SER A 313 -3.30 -21.57 -4.22
N TYR A 314 -3.28 -22.89 -4.17
CA TYR A 314 -4.49 -23.72 -4.19
C TYR A 314 -5.56 -23.32 -3.12
N LEU A 315 -5.17 -22.62 -2.08
CA LEU A 315 -6.12 -22.24 -1.06
C LEU A 315 -6.78 -20.81 -1.20
N PHE A 316 -7.32 -20.41 -2.36
CA PHE A 316 -7.89 -19.02 -2.47
C PHE A 316 -9.20 -18.74 -3.24
N ASP B 7 25.44 25.44 -4.48
CA ASP B 7 26.87 25.31 -4.85
C ASP B 7 27.13 24.98 -6.35
N LYS B 8 28.39 24.82 -6.72
CA LYS B 8 28.78 24.50 -8.10
C LYS B 8 28.85 22.96 -8.18
N ASN B 9 28.58 22.29 -7.05
CA ASN B 9 28.58 20.82 -6.94
C ASN B 9 27.20 20.25 -7.19
N LEU B 10 26.27 21.11 -7.61
CA LEU B 10 24.92 20.67 -7.92
C LEU B 10 24.99 20.44 -9.40
N LYS B 11 25.33 19.21 -9.80
CA LYS B 11 25.36 18.89 -11.22
C LYS B 11 24.02 18.18 -11.45
N ILE B 12 23.33 18.54 -12.53
CA ILE B 12 22.06 17.90 -12.82
C ILE B 12 22.15 17.32 -14.21
N PHE B 13 21.61 16.12 -14.38
CA PHE B 13 21.62 15.43 -15.65
C PHE B 13 20.24 15.03 -16.02
N SER B 14 20.04 14.93 -17.32
CA SER B 14 18.77 14.52 -17.84
C SER B 14 19.05 13.33 -18.74
N LEU B 15 18.27 12.26 -18.60
CA LEU B 15 18.48 11.12 -19.46
C LEU B 15 17.47 11.31 -20.57
N ASN B 16 16.92 10.26 -21.16
CA ASN B 16 15.97 10.47 -22.27
C ASN B 16 14.50 10.56 -22.00
N SER B 17 14.05 10.16 -20.82
CA SER B 17 12.64 10.18 -20.53
C SER B 17 11.88 11.50 -20.75
N ASN B 18 12.24 12.54 -20.02
CA ASN B 18 11.51 13.78 -20.15
C ASN B 18 12.48 14.96 -20.08
N PRO B 19 13.25 15.17 -21.14
CA PRO B 19 14.21 16.27 -21.21
C PRO B 19 13.61 17.68 -21.07
N GLU B 20 12.43 17.90 -21.64
CA GLU B 20 11.81 19.24 -21.54
C GLU B 20 11.59 19.53 -20.08
N LEU B 21 11.11 18.55 -19.34
CA LEU B 21 10.88 18.75 -17.92
C LEU B 21 12.22 18.98 -17.22
N ALA B 22 13.21 18.22 -17.60
CA ALA B 22 14.52 18.34 -16.99
C ALA B 22 15.15 19.69 -17.23
N LYS B 23 15.08 20.13 -18.49
CA LYS B 23 15.65 21.40 -18.92
C LYS B 23 15.02 22.47 -18.07
N GLU B 24 13.72 22.35 -17.86
CA GLU B 24 12.98 23.30 -17.06
C GLU B 24 13.39 23.38 -15.58
N ILE B 25 13.53 22.22 -14.94
CA ILE B 25 13.91 22.12 -13.54
C ILE B 25 15.35 22.62 -13.39
N ALA B 26 16.17 22.44 -14.42
CA ALA B 26 17.54 22.93 -14.33
C ALA B 26 17.56 24.46 -14.46
N ASP B 27 16.85 24.99 -15.48
CA ASP B 27 16.78 26.42 -15.71
C ASP B 27 16.23 27.06 -14.45
N ILE B 28 15.10 26.56 -13.95
CA ILE B 28 14.49 27.12 -12.74
C ILE B 28 15.51 27.19 -11.60
N VAL B 29 16.19 26.07 -11.36
CA VAL B 29 17.19 26.01 -10.30
C VAL B 29 18.26 27.06 -10.61
N GLY B 30 18.66 27.12 -11.86
CA GLY B 30 19.70 28.04 -12.28
C GLY B 30 21.01 27.28 -12.40
N VAL B 31 21.04 26.31 -13.31
CA VAL B 31 22.25 25.52 -13.51
C VAL B 31 22.28 24.98 -14.92
N GLN B 32 23.49 24.68 -15.41
CA GLN B 32 23.61 24.10 -16.73
C GLN B 32 23.60 22.58 -16.54
N LEU B 33 22.75 21.93 -17.35
CA LEU B 33 22.61 20.47 -17.32
C LEU B 33 23.99 19.89 -17.53
N GLY B 34 24.40 19.01 -16.63
CA GLY B 34 25.70 18.40 -16.77
C GLY B 34 25.83 17.86 -18.19
N LYS B 35 27.03 18.04 -18.77
CA LYS B 35 27.33 17.55 -20.10
C LYS B 35 27.61 16.02 -20.02
N CYS B 36 26.84 15.25 -20.77
CA CYS B 36 26.99 13.81 -20.73
C CYS B 36 26.48 13.07 -21.98
N SER B 37 27.42 12.38 -22.62
CA SER B 37 27.06 11.57 -23.79
C SER B 37 26.17 10.46 -23.15
N VAL B 38 24.94 10.35 -23.66
CA VAL B 38 24.00 9.32 -23.20
C VAL B 38 23.42 8.64 -24.45
N THR B 39 24.31 8.30 -25.38
CA THR B 39 23.89 7.65 -26.63
C THR B 39 23.71 6.16 -26.45
N ARG B 40 23.23 5.51 -27.51
CA ARG B 40 23.06 4.06 -27.58
C ARG B 40 23.94 3.68 -28.78
N PHE B 41 24.65 2.57 -28.70
CA PHE B 41 25.47 2.13 -29.83
C PHE B 41 24.46 1.64 -30.84
N SER B 42 24.87 1.44 -32.10
CA SER B 42 23.91 0.98 -33.12
C SER B 42 23.34 -0.33 -32.55
N ASP B 43 24.26 -1.05 -31.94
CA ASP B 43 24.01 -2.32 -31.26
C ASP B 43 22.70 -2.28 -30.45
N GLY B 44 22.39 -1.11 -29.89
CA GLY B 44 21.21 -0.96 -29.06
C GLY B 44 21.66 -0.83 -27.61
N GLU B 45 22.88 -1.29 -27.32
CA GLU B 45 23.41 -1.21 -25.97
C GLU B 45 23.56 0.26 -25.70
N VAL B 46 23.49 0.65 -24.44
CA VAL B 46 23.63 2.05 -24.05
C VAL B 46 25.07 2.49 -23.76
N GLN B 47 25.47 3.56 -24.42
CA GLN B 47 26.80 4.12 -24.26
C GLN B 47 26.81 5.34 -23.33
N ILE B 48 27.81 5.46 -22.46
CA ILE B 48 27.87 6.64 -21.61
C ILE B 48 29.27 7.24 -21.38
N ASN B 49 29.32 8.54 -21.61
CA ASN B 49 30.52 9.35 -21.45
C ASN B 49 29.93 10.51 -20.62
N ILE B 50 30.68 10.94 -19.63
CA ILE B 50 30.26 12.04 -18.83
C ILE B 50 31.41 12.99 -19.04
N GLU B 51 31.27 13.86 -20.03
CA GLU B 51 32.34 14.80 -20.38
C GLU B 51 32.50 15.99 -19.43
N GLU B 52 32.78 15.74 -18.17
CA GLU B 52 32.89 16.83 -17.22
C GLU B 52 33.21 16.13 -15.89
N SER B 53 34.43 16.32 -15.37
CA SER B 53 34.78 15.67 -14.11
C SER B 53 33.68 15.96 -13.12
N ILE B 54 33.21 14.92 -12.43
CA ILE B 54 32.18 15.14 -11.43
C ILE B 54 32.69 14.62 -10.09
N ARG B 55 34.00 14.35 -10.05
CA ARG B 55 34.65 13.84 -8.86
C ARG B 55 34.27 14.71 -7.69
N GLY B 56 33.65 14.12 -6.68
CA GLY B 56 33.29 14.88 -5.50
C GLY B 56 32.05 15.74 -5.58
N CYS B 57 31.35 15.73 -6.72
CA CYS B 57 30.14 16.54 -6.87
C CYS B 57 28.90 15.82 -6.36
N ASP B 58 27.80 16.57 -6.23
CA ASP B 58 26.50 16.03 -5.83
C ASP B 58 25.65 16.00 -7.10
N CYS B 59 25.50 14.83 -7.70
CA CYS B 59 24.78 14.70 -8.93
C CYS B 59 23.29 14.35 -8.76
N TYR B 60 22.42 15.05 -9.47
CA TYR B 60 20.98 14.77 -9.44
C TYR B 60 20.63 14.28 -10.83
N ILE B 61 19.91 13.17 -10.93
CA ILE B 61 19.52 12.62 -12.23
C ILE B 61 18.03 12.67 -12.35
N ILE B 62 17.54 13.22 -13.46
CA ILE B 62 16.11 13.35 -13.65
C ILE B 62 15.61 12.36 -14.66
N GLN B 63 14.69 11.50 -14.29
CA GLN B 63 14.21 10.50 -15.22
C GLN B 63 12.94 9.82 -14.81
N SER B 64 11.97 9.83 -15.72
CA SER B 64 10.71 9.17 -15.49
C SER B 64 10.94 7.81 -16.13
N THR B 65 10.43 6.76 -15.52
CA THR B 65 10.59 5.45 -16.12
C THR B 65 9.29 5.11 -16.83
N SER B 66 8.97 5.99 -17.77
CA SER B 66 7.80 5.89 -18.61
C SER B 66 8.18 5.14 -19.89
N ASP B 67 7.19 4.83 -20.72
CA ASP B 67 7.40 4.11 -21.95
C ASP B 67 8.55 4.65 -22.78
N PRO B 68 9.51 3.79 -23.14
CA PRO B 68 9.53 2.38 -22.74
C PRO B 68 10.22 2.24 -21.41
N VAL B 69 9.51 1.65 -20.47
CA VAL B 69 10.03 1.48 -19.14
C VAL B 69 11.36 0.79 -19.02
N ASN B 70 11.53 -0.34 -19.68
CA ASN B 70 12.79 -1.08 -19.55
C ASN B 70 14.03 -0.41 -20.08
N GLU B 71 13.87 0.40 -21.11
CA GLU B 71 14.97 1.13 -21.71
C GLU B 71 15.40 2.28 -20.81
N HIS B 72 14.41 2.98 -20.28
CA HIS B 72 14.69 4.09 -19.39
C HIS B 72 15.28 3.60 -18.07
N ILE B 73 14.78 2.48 -17.61
CA ILE B 73 15.29 1.93 -16.36
C ILE B 73 16.75 1.60 -16.54
N MET B 74 17.07 0.90 -17.62
CA MET B 74 18.44 0.51 -17.88
C MET B 74 19.42 1.65 -18.05
N GLU B 75 19.02 2.71 -18.74
CA GLU B 75 19.96 3.81 -18.89
C GLU B 75 20.17 4.51 -17.57
N LEU B 76 19.11 4.61 -16.79
CA LEU B 76 19.22 5.22 -15.49
C LEU B 76 20.27 4.47 -14.65
N LEU B 77 20.14 3.15 -14.62
CA LEU B 77 21.04 2.29 -13.86
C LEU B 77 22.47 2.37 -14.35
N ILE B 78 22.63 2.40 -15.66
CA ILE B 78 23.95 2.48 -16.22
C ILE B 78 24.55 3.82 -15.87
N MET B 79 23.74 4.88 -15.90
CA MET B 79 24.23 6.20 -15.56
C MET B 79 24.77 6.16 -14.14
N VAL B 80 23.92 5.72 -13.22
CA VAL B 80 24.31 5.62 -11.81
C VAL B 80 25.61 4.90 -11.69
N ASP B 81 25.75 3.79 -12.40
CA ASP B 81 26.97 3.02 -12.33
C ASP B 81 28.13 3.87 -12.77
N ALA B 82 27.95 4.60 -13.86
CA ALA B 82 29.03 5.44 -14.38
C ALA B 82 29.44 6.42 -13.33
N LEU B 83 28.47 7.12 -12.76
CA LEU B 83 28.74 8.10 -11.75
C LEU B 83 29.41 7.52 -10.52
N LYS B 84 28.91 6.39 -10.01
CA LYS B 84 29.49 5.79 -8.83
C LYS B 84 30.93 5.44 -9.11
N ARG B 85 31.16 4.78 -10.24
CA ARG B 85 32.52 4.39 -10.58
C ARG B 85 33.42 5.58 -10.79
N ALA B 86 32.83 6.71 -11.18
CA ALA B 86 33.58 7.94 -11.42
C ALA B 86 33.71 8.81 -10.18
N SER B 87 33.42 8.26 -9.00
CA SER B 87 33.56 8.97 -7.74
C SER B 87 32.68 10.16 -7.42
N ALA B 88 31.41 10.11 -7.81
CA ALA B 88 30.50 11.20 -7.45
C ALA B 88 30.38 11.14 -5.93
N LYS B 89 30.02 12.23 -5.28
CA LYS B 89 29.88 12.17 -3.84
C LYS B 89 28.53 11.58 -3.48
N THR B 90 27.48 12.06 -4.15
CA THR B 90 26.15 11.53 -3.94
C THR B 90 25.52 11.41 -5.31
N ILE B 91 24.66 10.42 -5.46
CA ILE B 91 24.00 10.16 -6.71
C ILE B 91 22.55 10.16 -6.25
N ASN B 92 21.83 11.22 -6.59
CA ASN B 92 20.46 11.41 -6.15
C ASN B 92 19.50 11.33 -7.31
N ILE B 93 18.48 10.51 -7.18
CA ILE B 93 17.53 10.29 -8.24
C ILE B 93 16.18 11.01 -8.10
N VAL B 94 15.79 11.70 -9.16
CA VAL B 94 14.55 12.45 -9.18
C VAL B 94 13.67 11.72 -10.17
N ILE B 95 12.63 11.05 -9.69
CA ILE B 95 11.73 10.29 -10.56
C ILE B 95 10.34 10.87 -10.57
N PRO B 96 10.01 11.67 -11.59
CA PRO B 96 8.72 12.30 -11.75
C PRO B 96 7.65 11.23 -11.90
N TYR B 97 8.01 10.13 -12.56
CA TYR B 97 7.07 9.04 -12.76
C TYR B 97 7.75 7.68 -12.53
N TYR B 98 7.33 6.98 -11.48
CA TYR B 98 7.86 5.68 -11.09
C TYR B 98 7.11 4.55 -11.79
N GLY B 99 7.67 4.10 -12.90
CA GLY B 99 7.09 3.02 -13.66
C GLY B 99 7.10 1.77 -12.82
N TYR B 100 6.22 0.83 -13.14
CA TYR B 100 6.05 -0.45 -12.44
C TYR B 100 5.45 -0.37 -11.05
N ALA B 101 4.97 0.81 -10.67
CA ALA B 101 4.37 0.94 -9.36
C ALA B 101 3.06 0.18 -9.24
N ARG B 102 2.55 -0.34 -10.36
CA ARG B 102 1.26 -1.07 -10.33
C ARG B 102 1.44 -2.53 -9.96
N GLN B 103 2.66 -3.02 -10.19
CA GLN B 103 3.07 -4.38 -9.86
C GLN B 103 3.68 -4.26 -8.45
N ASP B 104 2.81 -3.94 -7.47
CA ASP B 104 3.22 -3.73 -6.09
C ASP B 104 2.90 -4.85 -5.08
N ARG B 105 2.47 -6.00 -5.57
CA ARG B 105 2.17 -7.21 -4.74
C ARG B 105 1.86 -8.39 -5.67
N LYS B 106 1.61 -9.56 -5.10
CA LYS B 106 1.27 -10.70 -5.91
C LYS B 106 -0.26 -10.72 -5.92
N SER B 109 -1.01 -14.98 -8.28
CA SER B 109 0.06 -15.71 -7.51
C SER B 109 1.14 -16.01 -8.51
N ARG B 110 2.32 -16.32 -8.02
CA ARG B 110 3.44 -16.57 -8.90
C ARG B 110 3.77 -15.36 -9.75
N GLU B 111 3.48 -14.16 -9.22
CA GLU B 111 3.82 -12.92 -9.93
C GLU B 111 4.97 -12.23 -9.21
N PRO B 112 5.67 -11.32 -9.90
CA PRO B 112 6.77 -10.58 -9.30
C PRO B 112 6.20 -9.28 -8.70
N ILE B 113 7.03 -8.56 -7.95
CA ILE B 113 6.69 -7.30 -7.31
C ILE B 113 7.74 -6.38 -7.86
N THR B 114 7.57 -6.03 -9.13
CA THR B 114 8.52 -5.19 -9.82
C THR B 114 8.84 -3.85 -9.18
N ALA B 115 7.87 -3.23 -8.52
CA ALA B 115 8.18 -1.98 -7.86
C ALA B 115 9.28 -2.25 -6.82
N LYS B 116 9.27 -3.44 -6.22
CA LYS B 116 10.29 -3.73 -5.23
C LYS B 116 11.56 -4.12 -5.89
N LEU B 117 11.50 -4.91 -6.96
CA LEU B 117 12.73 -5.32 -7.64
C LEU B 117 13.46 -4.08 -8.05
N PHE B 118 12.73 -3.11 -8.58
CA PHE B 118 13.35 -1.89 -9.03
C PHE B 118 14.13 -1.20 -7.94
N ALA B 119 13.50 -1.03 -6.77
CA ALA B 119 14.14 -0.37 -5.64
C ALA B 119 15.45 -1.03 -5.39
N ASN B 120 15.40 -2.35 -5.33
CA ASN B 120 16.57 -3.17 -5.10
C ASN B 120 17.62 -3.02 -6.16
N LEU B 121 17.19 -2.79 -7.39
CA LEU B 121 18.15 -2.62 -8.45
C LEU B 121 18.86 -1.29 -8.32
N LEU B 122 18.07 -0.26 -8.03
CA LEU B 122 18.55 1.11 -7.91
C LEU B 122 19.54 1.28 -6.77
N GLU B 123 19.28 0.60 -5.67
CA GLU B 123 20.19 0.69 -4.56
C GLU B 123 21.43 -0.09 -4.91
N THR B 124 21.30 -1.21 -5.60
CA THR B 124 22.47 -2.00 -5.97
C THR B 124 23.38 -1.20 -6.88
N ALA B 125 22.77 -0.55 -7.86
CA ALA B 125 23.49 0.29 -8.82
C ALA B 125 24.30 1.35 -8.07
N GLY B 126 23.73 1.88 -6.99
CA GLY B 126 24.44 2.86 -6.20
C GLY B 126 23.76 4.15 -5.84
N ALA B 127 22.44 4.22 -5.84
CA ALA B 127 21.79 5.47 -5.51
C ALA B 127 22.00 5.85 -4.06
N THR B 128 21.96 7.13 -3.77
CA THR B 128 22.14 7.64 -2.43
C THR B 128 20.77 7.98 -1.84
N ARG B 129 19.88 8.47 -2.69
CA ARG B 129 18.54 8.82 -2.25
C ARG B 129 17.61 9.00 -3.45
N VAL B 130 16.31 9.04 -3.16
CA VAL B 130 15.30 9.21 -4.19
C VAL B 130 14.25 10.27 -3.89
N ILE B 131 13.78 10.93 -4.95
CA ILE B 131 12.74 11.94 -4.85
C ILE B 131 11.66 11.50 -5.81
N ALA B 132 10.46 11.32 -5.30
CA ALA B 132 9.37 10.85 -6.12
C ALA B 132 8.06 11.66 -6.02
N LEU B 133 7.20 11.46 -7.01
CA LEU B 133 5.95 12.17 -7.10
C LEU B 133 4.80 11.19 -7.26
N ASP B 134 3.85 11.27 -6.32
CA ASP B 134 2.65 10.44 -6.33
C ASP B 134 2.85 8.99 -6.76
N LEU B 135 3.39 8.18 -5.88
CA LEU B 135 3.58 6.78 -6.21
C LEU B 135 2.19 6.15 -6.19
N HIS B 136 1.98 5.11 -7.00
CA HIS B 136 0.67 4.45 -7.04
C HIS B 136 0.28 3.99 -5.66
N ALA B 137 1.26 3.58 -4.87
CA ALA B 137 1.00 3.15 -3.52
C ALA B 137 2.02 3.85 -2.63
N PRO B 138 1.55 4.60 -1.66
CA PRO B 138 2.43 5.31 -0.74
C PRO B 138 3.40 4.41 0.02
N GLN B 139 3.07 3.13 0.16
CA GLN B 139 3.96 2.24 0.87
C GLN B 139 5.13 1.72 0.07
N ILE B 140 5.18 2.08 -1.21
CA ILE B 140 6.28 1.69 -2.06
C ILE B 140 7.46 2.40 -1.45
N GLN B 141 7.18 3.54 -0.82
CA GLN B 141 8.18 4.34 -0.15
C GLN B 141 9.03 3.44 0.75
N GLY B 142 8.40 2.43 1.34
CA GLY B 142 9.11 1.53 2.23
C GLY B 142 9.89 0.40 1.57
N PHE B 143 9.88 0.36 0.25
CA PHE B 143 10.61 -0.67 -0.48
C PHE B 143 12.08 -0.33 -0.54
N PHE B 144 12.42 0.89 -0.12
CA PHE B 144 13.79 1.37 -0.11
C PHE B 144 14.35 1.41 1.28
N ASP B 145 15.66 1.46 1.36
CA ASP B 145 16.33 1.62 2.63
C ASP B 145 17.24 2.84 2.62
N ILE B 146 17.28 3.52 1.47
CA ILE B 146 18.04 4.75 1.30
C ILE B 146 16.94 5.78 1.48
N PRO B 147 17.29 7.01 1.85
CA PRO B 147 16.26 8.03 2.03
C PRO B 147 15.45 8.32 0.76
N ILE B 148 14.18 8.60 0.96
CA ILE B 148 13.31 8.91 -0.16
C ILE B 148 12.27 9.92 0.26
N ASP B 149 12.15 10.99 -0.48
CA ASP B 149 11.18 12.05 -0.21
C ASP B 149 10.03 11.89 -1.22
N HIS B 150 8.80 11.87 -0.74
CA HIS B 150 7.65 11.66 -1.61
C HIS B 150 6.79 12.89 -1.69
N LEU B 151 6.76 13.49 -2.88
CA LEU B 151 6.00 14.69 -3.15
C LEU B 151 4.62 14.30 -3.60
N MET B 152 3.62 14.96 -3.05
CA MET B 152 2.23 14.72 -3.42
C MET B 152 1.98 15.67 -4.58
N GLY B 153 1.09 15.31 -5.49
CA GLY B 153 0.78 16.19 -6.60
C GLY B 153 -0.63 16.74 -6.56
N VAL B 154 -1.45 16.22 -5.67
CA VAL B 154 -2.81 16.71 -5.60
C VAL B 154 -2.92 18.23 -5.41
N PRO B 155 -2.15 18.81 -4.47
CA PRO B 155 -2.24 20.26 -4.26
C PRO B 155 -2.27 21.08 -5.52
N ILE B 156 -1.47 20.70 -6.50
CA ILE B 156 -1.39 21.42 -7.77
C ILE B 156 -2.71 21.44 -8.53
N LEU B 157 -3.32 20.27 -8.67
CA LEU B 157 -4.59 20.13 -9.37
C LEU B 157 -5.67 20.79 -8.54
N GLY B 158 -5.59 20.65 -7.22
CA GLY B 158 -6.58 21.24 -6.35
C GLY B 158 -6.68 22.69 -6.70
N GLU B 159 -5.54 23.35 -6.66
CA GLU B 159 -5.43 24.77 -6.96
C GLU B 159 -5.96 25.21 -8.35
N TYR B 160 -5.76 24.41 -9.39
CA TYR B 160 -6.26 24.78 -10.70
C TYR B 160 -7.75 24.85 -10.62
N PHE B 161 -8.36 23.76 -10.17
CA PHE B 161 -9.80 23.70 -10.05
C PHE B 161 -10.33 24.79 -9.13
N GLU B 162 -9.65 25.06 -8.02
CA GLU B 162 -10.13 26.09 -7.11
C GLU B 162 -10.33 27.43 -7.81
N GLY B 163 -9.36 27.80 -8.65
CA GLY B 163 -9.46 29.05 -9.37
C GLY B 163 -10.39 29.02 -10.56
N LYS B 164 -11.05 27.89 -10.74
CA LYS B 164 -11.97 27.70 -11.84
C LYS B 164 -13.29 28.25 -11.36
N ASN B 165 -13.41 28.41 -10.04
CA ASN B 165 -14.62 28.94 -9.42
C ASN B 165 -15.89 28.15 -9.67
N LEU B 166 -15.84 26.82 -9.75
CA LEU B 166 -17.05 26.00 -9.99
C LEU B 166 -17.95 25.96 -8.75
N GLU B 167 -19.19 25.49 -8.94
CA GLU B 167 -20.18 25.41 -7.87
C GLU B 167 -20.92 24.09 -7.97
N ASP B 168 -21.25 23.53 -6.80
CA ASP B 168 -21.96 22.25 -6.76
C ASP B 168 -21.05 21.19 -7.38
N ILE B 169 -19.94 20.89 -6.72
CA ILE B 169 -19.03 19.89 -7.24
C ILE B 169 -18.92 18.66 -6.34
N VAL B 170 -18.62 17.53 -6.96
CA VAL B 170 -18.45 16.30 -6.22
C VAL B 170 -17.20 15.62 -6.76
N ILE B 171 -16.37 15.12 -5.85
CA ILE B 171 -15.16 14.45 -6.26
C ILE B 171 -15.51 12.97 -6.43
N VAL B 172 -15.04 12.37 -7.53
CA VAL B 172 -15.34 10.98 -7.81
C VAL B 172 -14.14 10.09 -7.96
N SER B 173 -14.21 8.95 -7.31
CA SER B 173 -13.18 7.96 -7.35
C SER B 173 -13.60 6.92 -8.37
N PRO B 174 -12.87 6.85 -9.49
CA PRO B 174 -13.15 5.90 -10.58
C PRO B 174 -13.22 4.45 -10.09
N ASP B 175 -12.50 4.16 -9.00
CA ASP B 175 -12.44 2.81 -8.49
C ASP B 175 -12.26 2.68 -6.98
N HIS B 176 -12.23 1.43 -6.52
CA HIS B 176 -12.13 1.13 -5.10
C HIS B 176 -10.85 1.57 -4.42
N GLY B 177 -9.79 1.82 -5.20
CA GLY B 177 -8.54 2.22 -4.59
C GLY B 177 -8.34 3.73 -4.53
N GLY B 178 -9.08 4.43 -5.37
CA GLY B 178 -8.95 5.87 -5.44
C GLY B 178 -9.59 6.66 -4.32
N VAL B 179 -10.44 6.05 -3.51
CA VAL B 179 -11.14 6.76 -2.44
C VAL B 179 -10.28 7.66 -1.57
N THR B 180 -9.06 7.25 -1.26
CA THR B 180 -8.22 8.11 -0.42
C THR B 180 -7.87 9.38 -1.19
N ARG B 181 -7.35 9.19 -2.40
CA ARG B 181 -6.97 10.31 -3.22
C ARG B 181 -8.13 11.22 -3.43
N ALA B 182 -9.30 10.64 -3.69
CA ALA B 182 -10.49 11.47 -3.91
C ALA B 182 -10.76 12.33 -2.66
N ARG B 183 -10.52 11.73 -1.48
CA ARG B 183 -10.77 12.44 -0.24
C ARG B 183 -9.84 13.62 -0.19
N LYS B 184 -8.55 13.39 -0.43
CA LYS B 184 -7.56 14.48 -0.40
C LYS B 184 -8.01 15.68 -1.22
N LEU B 185 -8.49 15.43 -2.44
CA LEU B 185 -8.99 16.51 -3.27
C LEU B 185 -10.34 17.06 -2.76
N ALA B 186 -11.21 16.19 -2.24
CA ALA B 186 -12.51 16.64 -1.74
C ALA B 186 -12.25 17.61 -0.62
N ASP B 187 -11.27 17.30 0.20
CA ASP B 187 -10.95 18.19 1.30
C ASP B 187 -10.44 19.53 0.86
N ARG B 188 -9.40 19.48 0.05
CA ARG B 188 -8.77 20.66 -0.48
C ARG B 188 -9.83 21.55 -1.18
N LEU B 189 -10.99 20.98 -1.53
CA LEU B 189 -12.01 21.79 -2.18
C LEU B 189 -13.32 21.84 -1.43
N LYS B 190 -13.35 21.23 -0.26
CA LYS B 190 -14.53 21.20 0.58
C LYS B 190 -15.74 20.64 -0.16
N ALA B 191 -15.54 19.54 -0.88
CA ALA B 191 -16.60 18.91 -1.64
C ALA B 191 -16.88 17.50 -1.13
N PRO B 192 -18.03 16.91 -1.52
CA PRO B 192 -18.39 15.55 -1.10
C PRO B 192 -17.75 14.56 -2.07
N ILE B 193 -17.79 13.28 -1.74
CA ILE B 193 -17.20 12.27 -2.62
C ILE B 193 -18.21 11.20 -3.01
N ALA B 194 -17.97 10.52 -4.14
CA ALA B 194 -18.83 9.46 -4.64
C ALA B 194 -17.85 8.56 -5.37
N ILE B 195 -18.16 7.27 -5.47
CA ILE B 195 -17.26 6.35 -6.16
C ILE B 195 -18.04 5.52 -7.19
N ILE B 196 -17.30 4.94 -8.13
CA ILE B 196 -17.89 4.10 -9.16
C ILE B 196 -17.67 2.69 -8.66
N ASP B 197 -18.74 2.06 -8.18
CA ASP B 197 -18.63 0.69 -7.74
C ASP B 197 -18.78 -0.13 -9.00
N LYS B 198 -17.68 -0.32 -9.72
CA LYS B 198 -17.73 -1.08 -10.97
C LYS B 198 -17.41 -2.56 -10.75
N ARG B 199 -18.47 -3.36 -10.71
CA ARG B 199 -18.30 -4.80 -10.56
C ARG B 199 -19.12 -5.57 -11.62
N MET B 209 -21.43 -2.18 -13.28
CA MET B 209 -20.82 -0.85 -12.97
C MET B 209 -21.90 0.02 -12.33
N ASN B 210 -21.59 0.69 -11.21
CA ASN B 210 -22.58 1.51 -10.49
C ASN B 210 -22.04 2.71 -9.71
N ILE B 211 -22.92 3.69 -9.54
CA ILE B 211 -22.57 4.90 -8.82
C ILE B 211 -22.98 4.74 -7.34
N VAL B 212 -22.12 5.22 -6.45
CA VAL B 212 -22.38 5.17 -5.03
C VAL B 212 -22.27 6.61 -4.48
N GLY B 213 -23.43 7.24 -4.27
CA GLY B 213 -23.45 8.60 -3.75
C GLY B 213 -24.27 9.51 -4.62
N ASN B 214 -24.70 10.62 -4.04
CA ASN B 214 -25.51 11.60 -4.77
C ASN B 214 -24.61 12.33 -5.77
N ILE B 215 -25.10 12.54 -6.97
CA ILE B 215 -24.32 13.19 -8.00
C ILE B 215 -25.20 13.90 -9.05
N GLU B 216 -26.50 13.97 -8.80
CA GLU B 216 -27.43 14.59 -9.75
C GLU B 216 -27.16 16.07 -9.98
N GLY B 217 -27.20 16.50 -11.24
CA GLY B 217 -26.95 17.89 -11.57
C GLY B 217 -25.65 18.50 -11.05
N LYS B 218 -24.73 17.66 -10.56
CA LYS B 218 -23.46 18.17 -10.03
C LYS B 218 -22.35 18.27 -11.08
N THR B 219 -21.31 19.03 -10.73
CA THR B 219 -20.14 19.17 -11.59
C THR B 219 -19.24 18.13 -11.00
N ALA B 220 -18.99 17.06 -11.75
CA ALA B 220 -18.17 16.03 -11.16
C ALA B 220 -16.77 16.08 -11.66
N ILE B 221 -15.82 15.81 -10.76
CA ILE B 221 -14.42 15.75 -11.15
C ILE B 221 -13.94 14.31 -10.89
N LEU B 222 -13.49 13.65 -11.95
CA LEU B 222 -12.95 12.31 -11.82
C LEU B 222 -11.44 12.47 -11.58
N ILE B 223 -10.88 11.68 -10.68
CA ILE B 223 -9.46 11.79 -10.40
C ILE B 223 -8.81 10.42 -10.15
N ASP B 224 -7.68 10.17 -10.78
CA ASP B 224 -6.96 8.93 -10.55
C ASP B 224 -5.51 9.40 -10.53
N ASP B 225 -4.61 8.54 -10.09
CA ASP B 225 -3.21 8.91 -10.06
C ASP B 225 -2.68 8.81 -11.47
N ILE B 226 -3.09 7.78 -12.19
CA ILE B 226 -2.64 7.53 -13.54
C ILE B 226 -3.80 7.32 -14.53
N ILE B 227 -3.66 7.83 -15.73
CA ILE B 227 -4.67 7.60 -16.75
C ILE B 227 -3.85 6.89 -17.81
N ASP B 228 -4.05 5.59 -17.87
CA ASP B 228 -3.29 4.78 -18.78
C ASP B 228 -4.01 4.63 -20.11
N THR B 229 -4.80 3.58 -20.26
CA THR B 229 -5.54 3.34 -21.50
C THR B 229 -6.76 4.24 -21.57
N ALA B 230 -7.01 4.98 -20.51
CA ALA B 230 -8.16 5.88 -20.45
C ALA B 230 -9.43 5.06 -20.53
N GLY B 231 -9.32 3.75 -20.32
CA GLY B 231 -10.49 2.90 -20.39
C GLY B 231 -11.39 3.18 -19.20
N THR B 232 -10.91 2.81 -18.01
CA THR B 232 -11.63 2.99 -16.74
C THR B 232 -12.41 4.30 -16.68
N ILE B 233 -11.66 5.40 -16.78
CA ILE B 233 -12.18 6.77 -16.66
C ILE B 233 -13.20 7.31 -17.65
N THR B 234 -13.01 7.05 -18.95
CA THR B 234 -13.98 7.49 -19.96
C THR B 234 -15.30 6.80 -19.62
N LEU B 235 -15.27 5.48 -19.50
CA LEU B 235 -16.45 4.73 -19.16
C LEU B 235 -17.11 5.31 -17.92
N ALA B 236 -16.30 5.76 -16.97
CA ALA B 236 -16.81 6.38 -15.74
C ALA B 236 -17.55 7.70 -16.03
N ALA B 237 -16.90 8.59 -16.79
CA ALA B 237 -17.49 9.88 -17.14
C ALA B 237 -18.83 9.68 -17.81
N ASN B 238 -18.87 8.79 -18.81
CA ASN B 238 -20.12 8.54 -19.52
C ASN B 238 -21.23 8.05 -18.60
N ALA B 239 -20.89 7.18 -17.66
CA ALA B 239 -21.88 6.68 -16.70
C ALA B 239 -22.41 7.84 -15.86
N LEU B 240 -21.52 8.77 -15.50
CA LEU B 240 -21.90 9.92 -14.69
C LEU B 240 -22.95 10.71 -15.40
N VAL B 241 -22.63 11.07 -16.64
CA VAL B 241 -23.56 11.80 -17.51
C VAL B 241 -24.87 11.02 -17.58
N GLU B 242 -24.75 9.73 -17.87
CA GLU B 242 -25.91 8.85 -17.97
C GLU B 242 -26.73 8.90 -16.68
N ASN B 243 -26.13 9.33 -15.57
CA ASN B 243 -26.84 9.42 -14.28
C ASN B 243 -27.19 10.86 -13.89
N GLY B 244 -27.20 11.74 -14.88
CA GLY B 244 -27.56 13.12 -14.67
C GLY B 244 -26.61 13.95 -13.83
N ALA B 245 -25.46 14.25 -14.40
CA ALA B 245 -24.49 15.09 -13.71
C ALA B 245 -24.39 16.38 -14.56
N LYS B 246 -24.38 17.54 -13.90
CA LYS B 246 -24.33 18.82 -14.59
C LYS B 246 -23.26 18.82 -15.71
N GLU B 247 -22.00 18.52 -15.38
CA GLU B 247 -20.92 18.46 -16.37
C GLU B 247 -19.78 17.61 -15.76
N VAL B 248 -18.78 17.21 -16.55
CA VAL B 248 -17.72 16.35 -16.02
C VAL B 248 -16.29 16.71 -16.38
N TYR B 249 -15.41 16.75 -15.37
CA TYR B 249 -13.97 17.04 -15.55
C TYR B 249 -13.17 15.84 -15.07
N ALA B 250 -11.96 15.71 -15.55
CA ALA B 250 -11.11 14.60 -15.16
C ALA B 250 -9.66 15.05 -15.03
N CYS B 251 -9.00 14.52 -14.00
CA CYS B 251 -7.64 14.85 -13.76
C CYS B 251 -6.85 13.66 -13.20
N CYS B 252 -5.55 13.71 -13.39
CA CYS B 252 -4.68 12.67 -12.87
C CYS B 252 -3.32 13.33 -12.92
N THR B 253 -2.35 12.74 -12.25
CA THR B 253 -1.02 13.29 -12.24
C THR B 253 -0.28 12.79 -13.45
N HIS B 254 -0.26 11.46 -13.59
CA HIS B 254 0.50 10.81 -14.65
C HIS B 254 -0.26 10.44 -15.90
N PRO B 255 0.01 11.18 -16.96
CA PRO B 255 -0.60 10.98 -18.26
C PRO B 255 0.07 9.86 -19.06
N VAL B 256 -0.25 8.61 -18.75
CA VAL B 256 0.36 7.48 -19.50
C VAL B 256 -0.22 7.34 -20.90
N LEU B 257 -1.51 7.63 -21.03
CA LEU B 257 -2.24 7.62 -22.30
C LEU B 257 -1.69 6.68 -23.35
N SER B 258 -1.80 5.39 -23.07
CA SER B 258 -1.31 4.40 -24.00
C SER B 258 -2.49 3.90 -24.79
N GLY B 259 -2.20 3.19 -25.87
CA GLY B 259 -3.25 2.61 -26.67
C GLY B 259 -4.18 3.62 -27.31
N PRO B 260 -5.49 3.41 -27.14
CA PRO B 260 -6.54 4.26 -27.71
C PRO B 260 -6.92 5.40 -26.77
N ALA B 261 -6.13 5.57 -25.70
CA ALA B 261 -6.41 6.59 -24.70
C ALA B 261 -6.91 7.91 -25.28
N VAL B 262 -6.07 8.58 -26.07
CA VAL B 262 -6.47 9.86 -26.63
C VAL B 262 -7.82 9.82 -27.35
N GLU B 263 -7.93 8.94 -28.34
CA GLU B 263 -9.16 8.81 -29.12
C GLU B 263 -10.33 8.64 -28.19
N ARG B 264 -10.19 7.77 -27.20
CA ARG B 264 -11.26 7.53 -26.25
C ARG B 264 -11.65 8.77 -25.48
N ILE B 265 -10.68 9.59 -25.11
CA ILE B 265 -11.02 10.77 -24.34
C ILE B 265 -11.62 11.83 -25.26
N ASN B 266 -10.98 12.09 -26.39
CA ASN B 266 -11.49 13.08 -27.33
C ASN B 266 -12.96 12.79 -27.66
N ASN B 267 -13.35 11.52 -27.54
CA ASN B 267 -14.72 11.16 -27.78
C ASN B 267 -15.56 11.10 -26.54
N SER B 268 -14.92 11.15 -25.39
CA SER B 268 -15.65 11.07 -24.13
C SER B 268 -16.46 12.35 -23.90
N THR B 269 -17.15 12.39 -22.78
CA THR B 269 -17.98 13.54 -22.41
C THR B 269 -17.17 14.53 -21.54
N ILE B 270 -15.93 14.16 -21.26
CA ILE B 270 -15.04 14.98 -20.43
C ILE B 270 -14.90 16.41 -20.96
N LYS B 271 -15.47 17.37 -20.22
CA LYS B 271 -15.38 18.79 -20.60
C LYS B 271 -13.92 19.19 -20.73
N GLU B 272 -13.09 18.65 -19.83
CA GLU B 272 -11.64 18.92 -19.86
C GLU B 272 -10.83 17.94 -19.00
N LEU B 273 -9.63 17.62 -19.47
CA LEU B 273 -8.70 16.72 -18.81
C LEU B 273 -7.47 17.51 -18.34
N VAL B 274 -7.18 17.43 -17.04
CA VAL B 274 -6.08 18.13 -16.42
C VAL B 274 -5.00 17.10 -16.05
N VAL B 275 -3.76 17.36 -16.45
CA VAL B 275 -2.68 16.44 -16.15
C VAL B 275 -1.40 17.24 -15.87
N THR B 276 -0.33 16.58 -15.43
CA THR B 276 0.93 17.28 -15.21
C THR B 276 1.94 16.80 -16.22
N ASN B 277 3.08 17.46 -16.27
CA ASN B 277 4.12 17.07 -17.22
C ASN B 277 5.16 16.09 -16.62
N SER B 278 4.72 15.22 -15.72
CA SER B 278 5.61 14.25 -15.11
C SER B 278 6.03 13.25 -16.19
N ILE B 279 5.13 13.02 -17.14
CA ILE B 279 5.44 12.14 -18.25
C ILE B 279 5.34 12.96 -19.54
N LYS B 280 6.33 12.79 -20.39
CA LYS B 280 6.41 13.51 -21.64
C LYS B 280 5.28 13.12 -22.60
N LEU B 281 4.45 14.09 -22.96
CA LEU B 281 3.31 13.89 -23.86
C LEU B 281 3.59 13.33 -25.27
N PRO B 282 2.71 12.43 -25.75
CA PRO B 282 2.90 11.85 -27.08
C PRO B 282 2.86 13.02 -28.09
N GLU B 283 3.97 13.16 -28.80
CA GLU B 283 4.09 14.23 -29.78
C GLU B 283 3.12 14.10 -30.95
N GLU B 284 2.75 12.87 -31.31
CA GLU B 284 1.87 12.66 -32.46
C GLU B 284 0.34 12.62 -32.30
N LYS B 285 -0.20 12.84 -31.10
CA LYS B 285 -1.66 12.80 -30.92
C LYS B 285 -2.07 13.78 -29.80
N LYS B 286 -3.00 14.68 -30.14
CA LYS B 286 -3.44 15.69 -29.17
C LYS B 286 -4.86 15.58 -28.65
N ILE B 287 -4.95 15.71 -27.33
CA ILE B 287 -6.23 15.69 -26.65
C ILE B 287 -6.87 17.02 -27.07
N GLU B 288 -8.18 17.10 -27.05
CA GLU B 288 -8.79 18.34 -27.49
C GLU B 288 -9.01 19.31 -26.37
N ARG B 289 -10.00 19.03 -25.52
CA ARG B 289 -10.26 19.89 -24.38
C ARG B 289 -9.19 19.45 -23.35
N PHE B 290 -8.12 20.20 -23.19
CA PHE B 290 -7.12 19.74 -22.26
C PHE B 290 -6.19 20.79 -21.64
N LYS B 291 -5.72 20.50 -20.42
CA LYS B 291 -4.82 21.39 -19.69
C LYS B 291 -3.71 20.63 -18.92
N GLN B 292 -2.46 21.00 -19.18
CA GLN B 292 -1.30 20.39 -18.54
C GLN B 292 -0.57 21.36 -17.58
N LEU B 293 -0.45 20.98 -16.32
CA LEU B 293 0.20 21.80 -15.32
C LEU B 293 1.61 21.29 -15.16
N SER B 294 2.56 22.16 -14.85
CA SER B 294 3.94 21.73 -14.72
C SER B 294 4.30 21.39 -13.31
N VAL B 295 5.16 20.38 -13.14
CA VAL B 295 5.61 19.97 -11.84
C VAL B 295 7.07 20.35 -11.67
N GLY B 296 7.61 21.04 -12.66
CA GLY B 296 8.99 21.50 -12.62
C GLY B 296 9.25 22.36 -11.39
N PRO B 297 8.46 23.43 -11.17
CA PRO B 297 8.64 24.30 -10.00
C PRO B 297 8.74 23.54 -8.70
N LEU B 298 7.95 22.48 -8.56
CA LEU B 298 7.92 21.64 -7.36
C LEU B 298 9.21 20.84 -7.14
N LEU B 299 9.63 20.13 -8.18
CA LEU B 299 10.82 19.34 -8.09
C LEU B 299 12.02 20.22 -7.95
N ALA B 300 12.03 21.32 -8.69
CA ALA B 300 13.15 22.26 -8.64
C ALA B 300 13.33 22.68 -7.18
N GLU B 301 12.20 23.01 -6.57
CA GLU B 301 12.12 23.43 -5.20
C GLU B 301 12.59 22.31 -4.28
N ALA B 302 12.14 21.08 -4.59
CA ALA B 302 12.50 19.88 -3.84
C ALA B 302 14.00 19.67 -3.89
N ILE B 303 14.58 19.76 -5.08
CA ILE B 303 16.02 19.61 -5.22
C ILE B 303 16.73 20.60 -4.34
N ILE B 304 16.46 21.88 -4.55
CA ILE B 304 17.08 22.89 -3.74
C ILE B 304 17.00 22.57 -2.21
N ARG B 305 15.80 22.36 -1.67
CA ARG B 305 15.62 22.06 -0.24
C ARG B 305 16.43 20.85 0.18
N VAL B 306 16.42 19.83 -0.66
CA VAL B 306 17.15 18.63 -0.39
C VAL B 306 18.61 18.89 -0.38
N HIS B 307 19.08 19.63 -1.36
CA HIS B 307 20.49 19.88 -1.47
C HIS B 307 21.10 20.72 -0.38
N GLU B 308 20.38 21.72 0.09
CA GLU B 308 20.96 22.55 1.11
C GLU B 308 20.50 22.15 2.47
N GLN B 309 19.60 21.16 2.49
CA GLN B 309 19.08 20.60 3.71
C GLN B 309 18.14 21.53 4.46
N GLN B 310 17.24 22.13 3.70
CA GLN B 310 16.18 23.01 4.21
C GLN B 310 15.01 22.03 4.19
N SER B 311 14.12 22.13 5.17
CA SER B 311 12.96 21.25 5.25
C SER B 311 12.24 21.13 3.94
N VAL B 312 11.84 19.90 3.62
CA VAL B 312 11.09 19.67 2.40
C VAL B 312 9.72 19.16 2.77
N SER B 313 9.54 18.72 4.03
CA SER B 313 8.24 18.21 4.48
C SER B 313 7.23 19.30 4.16
N TYR B 314 7.72 20.52 4.29
CA TYR B 314 6.94 21.73 4.00
C TYR B 314 6.13 21.59 2.67
N LEU B 315 6.62 20.78 1.71
CA LEU B 315 5.86 20.53 0.46
C LEU B 315 4.87 19.38 0.84
N PHE B 316 5.23 18.14 0.45
CA PHE B 316 4.46 16.90 0.75
C PHE B 316 2.92 16.86 0.46
S SO4 C . -9.72 1.73 15.99
O1 SO4 C . -10.30 3.06 15.64
O2 SO4 C . -8.64 1.94 17.00
O3 SO4 C . -10.81 0.89 16.60
O4 SO4 C . -9.13 1.04 14.79
S SO4 D . 2.43 -22.15 -5.31
O1 SO4 D . 3.52 -23.14 -5.19
O2 SO4 D . 2.91 -21.01 -6.11
O3 SO4 D . 1.27 -22.75 -6.01
O4 SO4 D . 2.02 -21.79 -3.94
CD CD E . -3.02 2.37 6.59
CD CD F . -9.37 1.09 8.77
P ABM G . -4.53 4.45 7.61
CM ABM G . -5.97 4.81 8.67
O2P ABM G . -4.89 5.04 6.24
O3P ABM G . -4.26 2.94 7.80
O5' ABM G . -3.32 5.33 8.24
C5' ABM G . -2.27 4.71 9.05
C4' ABM G . -1.80 5.64 10.21
O4' ABM G . -2.24 5.17 11.55
C3' ABM G . -0.28 5.75 10.25
O3' ABM G . 0.14 6.88 9.47
C2' ABM G . 0.08 5.87 11.76
O2' ABM G . 0.47 7.19 12.17
C1' ABM G . -1.17 5.44 12.53
N9 ABM G . -0.85 4.23 13.32
C8 ABM G . 0.25 3.42 13.24
N7 ABM G . 0.38 2.62 14.27
C5 ABM G . -0.86 2.70 14.92
C6 ABM G . -1.27 2.30 16.21
N6 ABM G . -0.77 1.24 16.88
N1 ABM G . -2.16 3.11 16.82
C2 ABM G . -2.96 3.87 16.03
N3 ABM G . -2.85 4.11 14.72
C4 ABM G . -1.66 3.65 14.29
S SO4 H . -6.76 2.64 -17.26
O1 SO4 H . -5.84 1.71 -17.98
O2 SO4 H . -8.17 2.29 -17.62
O3 SO4 H . -6.56 2.59 -15.76
O4 SO4 H . -6.46 4.03 -17.77
S SO4 I . 12.09 17.82 6.44
O1 SO4 I . 11.58 17.38 5.13
O2 SO4 I . 13.40 18.52 6.20
O3 SO4 I . 11.09 18.77 6.98
O4 SO4 I . 12.34 16.72 7.42
CD CD J . -3.07 -1.08 -7.49
CD CD K . -6.89 3.43 -10.06
P ABM L . -5.45 -2.18 -8.92
CM ABM L . -4.55 -1.46 -10.35
O2P ABM L . -6.83 -2.38 -9.50
O3P ABM L . -5.17 -1.18 -7.76
O5' ABM L . -4.70 -3.60 -8.66
C5' ABM L . -3.38 -3.88 -9.22
C4' ABM L . -3.42 -4.84 -10.44
O4' ABM L . -2.95 -4.21 -11.68
C3' ABM L . -2.56 -6.11 -10.25
O3' ABM L . -3.41 -7.29 -10.30
C2' ABM L . -1.59 -6.18 -11.43
O2' ABM L . -1.55 -7.52 -12.01
C1' ABM L . -2.16 -5.21 -12.42
N9 ABM L . -1.11 -4.64 -13.28
C8 ABM L . 0.24 -4.54 -13.05
N7 ABM L . 0.90 -3.90 -14.01
C5 ABM L . -0.13 -3.42 -14.84
C6 ABM L . -0.15 -2.56 -15.98
N6 ABM L . 0.94 -2.00 -16.54
N1 ABM L . -1.36 -2.40 -16.58
C2 ABM L . -2.47 -2.85 -15.96
N3 ABM L . -2.58 -3.59 -14.86
C4 ABM L . -1.35 -3.91 -14.40
#